data_5QPK
#
_entry.id   5QPK
#
_cell.length_a   58.133
_cell.length_b   58.133
_cell.length_c   397.397
_cell.angle_alpha   90.000
_cell.angle_beta   90.000
_cell.angle_gamma   120.000
#
_symmetry.space_group_name_H-M   'P 61 2 2'
#
loop_
_entity.id
_entity.type
_entity.pdbx_description
1 polymer 'Farnesyl diphosphate synthase'
2 non-polymer 'SULFATE ION'
3 non-polymer 'ACETATE ION'
4 non-polymer 'ZINC ION'
5 non-polymer ~{N}-(2-phenylethyl)-1~{H}-benzimidazol-2-amine
6 water water
#
_entity_poly.entity_id   1
_entity_poly.type   'polypeptide(L)'
_entity_poly.pdbx_seq_one_letter_code
;GPMASMERFLSVYDEVQAFLLDQLQSKYEIDPNRARYLRIMMDTTCLGGKYFRGMTVVNVAEGFLAVTQHDEATKERILH
DACVGGWMIEFLQAHYLVEDDIMDGSVMRRGKPCWYRFPGVTTQCAINDGIILKSWTQIMAWHYFADRPFLKDLLCLFQK
VDYATAVGQMYDVTSMCDSNKLDPEVAQPMTTDFAEFTPAIYKRIVKYKTTFYTYLLPLVMGLLVSEAAASVEMNLVERV
AHLIGEYFQVQDDVMDCFTPPEQLGKVGTDIEDAKCSWLAVTFLGKANAAQVAEFKANYGEKDPAKVAVVKRLYSKANLQ
ADFAAYEAEVVREVESLIEQLKVKSPTFAESVAVVWEKTHKRKK
;
_entity_poly.pdbx_strand_id   A
#
loop_
_chem_comp.id
_chem_comp.type
_chem_comp.name
_chem_comp.formula
ACT non-polymer 'ACETATE ION' 'C2 H3 O2 -1'
LUY non-polymer ~{N}-(2-phenylethyl)-1~{H}-benzimidazol-2-amine 'C15 H15 N3'
SO4 non-polymer 'SULFATE ION' 'O4 S -2'
ZN non-polymer 'ZINC ION' 'Zn 2'
#
# COMPACT_ATOMS: atom_id res chain seq x y z
N MET A 3 -19.99 -3.21 6.35
CA MET A 3 -20.81 -2.80 7.53
C MET A 3 -20.85 -4.00 8.49
N ALA A 4 -21.65 -5.02 8.18
CA ALA A 4 -21.57 -6.32 8.85
C ALA A 4 -20.28 -7.07 8.45
N SER A 5 -19.83 -6.89 7.20
CA SER A 5 -18.55 -7.43 6.69
C SER A 5 -17.36 -7.02 7.57
N MET A 6 -17.38 -5.75 7.97
CA MET A 6 -16.37 -5.14 8.86
C MET A 6 -16.30 -5.78 10.19
N GLU A 7 -17.46 -6.15 10.82
CA GLU A 7 -17.43 -6.80 12.11
C GLU A 7 -16.83 -8.12 12.11
N ARG A 8 -17.15 -8.94 11.13
CA ARG A 8 -16.48 -10.16 11.05
C ARG A 8 -14.97 -9.96 10.89
N PHE A 9 -14.64 -9.06 9.95
CA PHE A 9 -13.25 -8.73 9.65
C PHE A 9 -12.51 -8.25 10.86
N LEU A 10 -13.00 -7.19 11.49
CA LEU A 10 -12.33 -6.71 12.69
C LEU A 10 -12.34 -7.79 13.79
N SER A 11 -13.38 -8.64 13.89
CA SER A 11 -13.40 -9.72 14.93
C SER A 11 -12.32 -10.82 14.84
N VAL A 12 -12.01 -11.25 13.61
CA VAL A 12 -10.93 -12.13 13.28
C VAL A 12 -9.55 -11.58 13.75
N TYR A 13 -9.39 -10.27 13.87
CA TYR A 13 -8.16 -9.76 14.49
C TYR A 13 -7.95 -10.36 15.89
N ASP A 14 -8.97 -10.24 16.73
CA ASP A 14 -8.86 -10.74 18.10
C ASP A 14 -8.45 -12.23 18.17
N GLU A 15 -9.02 -13.03 17.27
CA GLU A 15 -8.71 -14.44 17.22
C GLU A 15 -7.22 -14.63 16.85
N VAL A 16 -6.84 -14.04 15.73
CA VAL A 16 -5.47 -14.09 15.19
C VAL A 16 -4.43 -13.69 16.26
N GLN A 17 -4.72 -12.60 16.95
CA GLN A 17 -3.85 -12.10 18.01
C GLN A 17 -3.74 -13.14 19.15
N ALA A 18 -4.88 -13.70 19.56
CA ALA A 18 -4.88 -14.66 20.65
C ALA A 18 -4.08 -15.89 20.25
N PHE A 19 -4.28 -16.31 19.02
CA PHE A 19 -3.52 -17.41 18.47
C PHE A 19 -2.02 -17.15 18.51
N LEU A 20 -1.63 -15.97 18.01
CA LEU A 20 -0.22 -15.63 17.96
C LEU A 20 0.41 -15.47 19.35
N LEU A 21 -0.28 -14.73 20.22
CA LEU A 21 0.24 -14.50 21.58
C LEU A 21 0.21 -15.77 22.39
N ASP A 22 -0.88 -16.54 22.27
CA ASP A 22 -0.90 -17.87 22.94
C ASP A 22 0.17 -18.83 22.48
N GLN A 23 0.46 -18.83 21.16
CA GLN A 23 1.49 -19.64 20.60
C GLN A 23 2.84 -19.20 21.12
N LEU A 24 3.00 -17.88 21.30
CA LEU A 24 4.31 -17.41 21.78
C LEU A 24 4.60 -17.95 23.19
N GLN A 25 3.55 -17.98 23.98
CA GLN A 25 3.63 -18.64 25.33
C GLN A 25 3.85 -20.15 25.24
N SER A 26 3.14 -20.88 24.42
CA SER A 26 3.20 -22.33 24.57
C SER A 26 4.38 -22.91 23.83
N LYS A 27 4.93 -22.20 22.84
CA LYS A 27 5.92 -22.81 21.97
C LYS A 27 7.22 -22.01 21.91
N TYR A 28 7.17 -20.73 22.23
CA TYR A 28 8.34 -19.87 22.11
C TYR A 28 8.80 -19.31 23.45
N GLU A 29 8.32 -19.86 24.55
CA GLU A 29 8.80 -19.54 25.90
C GLU A 29 8.70 -18.08 26.28
N ILE A 30 7.76 -17.37 25.67
CA ILE A 30 7.60 -15.99 26.02
C ILE A 30 7.09 -15.81 27.39
N ASP A 31 7.50 -14.73 27.99
CA ASP A 31 7.03 -14.26 29.27
C ASP A 31 5.92 -13.28 29.11
N PRO A 32 5.09 -13.09 30.15
CA PRO A 32 3.96 -12.18 30.11
C PRO A 32 4.23 -10.73 29.71
N ASN A 33 5.35 -10.16 30.16
CA ASN A 33 5.63 -8.82 29.90
C ASN A 33 6.01 -8.50 28.36
N ARG A 34 6.80 -9.40 27.83
CA ARG A 34 7.14 -9.34 26.40
C ARG A 34 5.90 -9.63 25.52
N ALA A 35 5.03 -10.52 25.96
CA ALA A 35 3.75 -10.74 25.28
C ALA A 35 2.88 -9.52 25.26
N ARG A 36 2.87 -8.80 26.37
CA ARG A 36 2.19 -7.57 26.38
C ARG A 36 2.79 -6.49 25.43
N TYR A 37 4.13 -6.39 25.48
CA TYR A 37 4.81 -5.44 24.59
C TYR A 37 4.39 -5.74 23.07
N LEU A 38 4.42 -7.02 22.75
CA LEU A 38 3.99 -7.46 21.37
C LEU A 38 2.59 -7.20 21.04
N ARG A 39 1.69 -7.42 22.01
CA ARG A 39 0.28 -7.07 21.84
C ARG A 39 0.04 -5.63 21.53
N ILE A 40 0.75 -4.79 22.35
CA ILE A 40 0.65 -3.41 22.11
C ILE A 40 1.25 -2.96 20.75
N MET A 41 2.41 -3.53 20.43
CA MET A 41 2.98 -3.31 19.14
C MET A 41 2.05 -3.66 17.96
N MET A 42 1.47 -4.86 18.08
CA MET A 42 0.51 -5.28 17.07
C MET A 42 -0.65 -4.33 16.94
N ASP A 43 -1.30 -3.97 18.06
CA ASP A 43 -2.34 -3.04 17.97
C ASP A 43 -1.98 -1.66 17.38
N THR A 44 -0.82 -1.13 17.80
CA THR A 44 -0.47 0.19 17.39
C THR A 44 -0.15 0.27 15.93
N THR A 45 0.44 -0.79 15.41
CA THR A 45 0.92 -0.77 14.06
C THR A 45 -0.04 -1.39 13.03
N CYS A 46 -0.97 -2.20 13.49
CA CYS A 46 -1.90 -2.89 12.58
C CYS A 46 -3.27 -2.24 12.52
N LEU A 47 -3.61 -1.47 13.55
CA LEU A 47 -4.95 -0.98 13.71
C LEU A 47 -4.94 0.51 13.53
N GLY A 48 -6.07 1.05 13.09
CA GLY A 48 -6.24 2.52 12.98
C GLY A 48 -6.11 3.14 11.60
N GLY A 49 -5.95 2.31 10.57
CA GLY A 49 -6.05 2.74 9.17
C GLY A 49 -7.45 2.45 8.65
N LYS A 50 -7.59 2.39 7.34
CA LYS A 50 -8.88 2.25 6.66
C LYS A 50 -9.27 0.79 6.34
N TYR A 51 -8.27 -0.08 6.41
CA TYR A 51 -8.47 -1.50 6.11
C TYR A 51 -8.93 -1.76 4.68
N PHE A 52 -8.58 -0.87 3.76
CA PHE A 52 -8.96 -0.99 2.36
C PHE A 52 -8.46 -2.33 1.77
N ARG A 53 -7.20 -2.68 2.07
CA ARG A 53 -6.59 -3.90 1.54
C ARG A 53 -7.27 -5.14 2.10
N GLY A 54 -7.36 -5.25 3.42
CA GLY A 54 -7.99 -6.44 4.09
C GLY A 54 -9.45 -6.62 3.68
N MET A 55 -10.21 -5.57 3.71
CA MET A 55 -11.63 -5.60 3.38
C MET A 55 -11.81 -5.89 1.92
N THR A 56 -10.87 -5.63 1.03
CA THR A 56 -11.02 -5.97 -0.39
C THR A 56 -11.12 -7.54 -0.51
N VAL A 57 -10.25 -8.24 0.19
CA VAL A 57 -10.26 -9.73 0.20
C VAL A 57 -11.65 -10.16 0.63
N VAL A 58 -12.16 -9.66 1.71
CA VAL A 58 -13.48 -10.02 2.25
C VAL A 58 -14.56 -9.74 1.19
N ASN A 59 -14.51 -8.55 0.58
CA ASN A 59 -15.58 -8.20 -0.40
C ASN A 59 -15.55 -9.04 -1.63
N VAL A 60 -14.38 -9.37 -2.16
CA VAL A 60 -14.30 -10.18 -3.32
C VAL A 60 -14.93 -11.56 -2.93
N ALA A 61 -14.59 -12.11 -1.79
CA ALA A 61 -15.18 -13.43 -1.39
C ALA A 61 -16.64 -13.35 -1.20
N GLU A 62 -17.14 -12.29 -0.62
CA GLU A 62 -18.62 -12.14 -0.47
C GLU A 62 -19.29 -12.12 -1.80
N GLY A 63 -18.71 -11.57 -2.87
CA GLY A 63 -19.31 -11.53 -4.18
C GLY A 63 -19.49 -12.93 -4.66
N PHE A 64 -18.49 -13.79 -4.58
CA PHE A 64 -18.61 -15.15 -5.11
C PHE A 64 -19.60 -15.91 -4.23
N LEU A 65 -19.66 -15.62 -2.96
CA LEU A 65 -20.57 -16.36 -2.04
C LEU A 65 -22.04 -16.19 -2.47
N ALA A 66 -22.39 -15.01 -3.02
CA ALA A 66 -23.77 -14.77 -3.43
C ALA A 66 -24.17 -15.55 -4.62
N VAL A 67 -23.24 -16.09 -5.39
CA VAL A 67 -23.62 -16.73 -6.60
C VAL A 67 -23.19 -18.20 -6.67
N THR A 68 -22.68 -18.76 -5.56
CA THR A 68 -22.06 -20.07 -5.51
C THR A 68 -22.77 -20.89 -4.43
N GLN A 69 -23.06 -22.14 -4.77
CA GLN A 69 -23.71 -23.07 -3.84
C GLN A 69 -22.67 -23.68 -2.89
N HIS A 70 -22.98 -23.53 -1.61
CA HIS A 70 -22.21 -24.03 -0.53
C HIS A 70 -23.06 -24.34 0.70
N ASP A 71 -22.64 -25.28 1.52
CA ASP A 71 -23.17 -25.54 2.83
C ASP A 71 -22.88 -24.27 3.62
N GLU A 72 -23.66 -24.01 4.63
CA GLU A 72 -23.43 -22.89 5.55
C GLU A 72 -22.03 -22.93 6.14
N ALA A 73 -21.59 -24.09 6.64
CA ALA A 73 -20.33 -24.22 7.32
C ALA A 73 -19.22 -23.83 6.31
N THR A 74 -19.47 -24.09 5.06
CA THR A 74 -18.48 -23.79 3.98
C THR A 74 -18.49 -22.29 3.74
N LYS A 75 -19.64 -21.63 3.66
CA LYS A 75 -19.68 -20.15 3.59
C LYS A 75 -18.87 -19.55 4.76
N GLU A 76 -19.04 -20.02 5.96
CA GLU A 76 -18.33 -19.47 7.12
C GLU A 76 -16.86 -19.71 6.98
N ARG A 77 -16.41 -20.88 6.51
CA ARG A 77 -15.01 -21.21 6.37
C ARG A 77 -14.39 -20.23 5.34
N ILE A 78 -15.06 -20.03 4.22
CA ILE A 78 -14.54 -19.14 3.13
C ILE A 78 -14.44 -17.73 3.69
N LEU A 79 -15.45 -17.24 4.30
CA LEU A 79 -15.39 -15.86 4.90
C LEU A 79 -14.32 -15.80 5.97
N HIS A 80 -14.17 -16.79 6.82
CA HIS A 80 -13.01 -16.75 7.77
C HIS A 80 -11.66 -16.69 7.07
N ASP A 81 -11.50 -17.52 6.04
CA ASP A 81 -10.26 -17.52 5.25
C ASP A 81 -10.06 -16.12 4.66
N ALA A 82 -11.05 -15.51 4.06
CA ALA A 82 -10.93 -14.16 3.48
C ALA A 82 -10.46 -13.17 4.57
N CYS A 83 -10.98 -13.32 5.71
CA CYS A 83 -10.60 -12.33 6.82
C CYS A 83 -9.17 -12.57 7.27
N VAL A 84 -8.74 -13.83 7.45
CA VAL A 84 -7.33 -14.14 7.73
C VAL A 84 -6.43 -13.62 6.65
N GLY A 85 -6.76 -13.91 5.39
CA GLY A 85 -5.98 -13.47 4.25
C GLY A 85 -5.91 -11.91 4.29
N GLY A 86 -6.99 -11.25 4.59
CA GLY A 86 -7.01 -9.78 4.58
C GLY A 86 -6.09 -9.31 5.72
N TRP A 87 -6.08 -9.98 6.84
CA TRP A 87 -5.16 -9.56 7.90
C TRP A 87 -3.75 -9.85 7.55
N MET A 88 -3.45 -10.89 6.82
CA MET A 88 -2.11 -11.11 6.28
C MET A 88 -1.67 -9.80 5.55
N ILE A 89 -2.49 -9.27 4.70
CA ILE A 89 -2.19 -8.03 3.97
C ILE A 89 -2.02 -6.84 4.92
N GLU A 90 -2.92 -6.71 5.87
CA GLU A 90 -2.85 -5.55 6.81
C GLU A 90 -1.52 -5.67 7.56
N PHE A 91 -1.12 -6.87 8.03
CA PHE A 91 0.13 -7.04 8.79
C PHE A 91 1.34 -6.78 7.89
N LEU A 92 1.26 -7.11 6.61
CA LEU A 92 2.34 -6.83 5.64
C LEU A 92 2.45 -5.28 5.50
N GLN A 93 1.29 -4.61 5.42
CA GLN A 93 1.21 -3.12 5.39
C GLN A 93 1.87 -2.56 6.65
N ALA A 94 1.58 -3.15 7.80
CA ALA A 94 2.16 -2.71 9.09
C ALA A 94 3.66 -2.84 9.07
N HIS A 95 4.21 -3.93 8.59
CA HIS A 95 5.66 -4.06 8.38
C HIS A 95 6.24 -2.92 7.59
N TYR A 96 5.69 -2.70 6.41
CA TYR A 96 6.12 -1.61 5.52
C TYR A 96 6.14 -0.30 6.21
N LEU A 97 5.04 0.03 6.84
CA LEU A 97 4.92 1.36 7.48
C LEU A 97 5.88 1.50 8.63
N VAL A 98 6.08 0.50 9.46
CA VAL A 98 7.09 0.60 10.53
C VAL A 98 8.47 0.83 9.91
N GLU A 99 8.90 0.05 8.94
CA GLU A 99 10.23 0.12 8.44
C GLU A 99 10.40 1.45 7.61
N ASP A 100 9.42 1.82 6.82
CA ASP A 100 9.53 3.07 6.04
C ASP A 100 9.63 4.27 6.98
N ASP A 101 8.84 4.27 8.03
CA ASP A 101 8.83 5.46 8.95
C ASP A 101 10.22 5.54 9.51
N ILE A 102 10.87 4.48 9.90
CA ILE A 102 12.32 4.50 10.31
C ILE A 102 13.23 4.97 9.24
N MET A 103 13.18 4.40 8.05
CA MET A 103 13.98 4.71 6.92
C MET A 103 13.93 6.22 6.58
N ASP A 104 12.74 6.81 6.66
CA ASP A 104 12.51 8.19 6.13
C ASP A 104 12.62 9.14 7.28
N GLY A 105 12.78 8.70 8.52
CA GLY A 105 12.83 9.63 9.70
C GLY A 105 11.48 10.27 9.95
N SER A 106 10.39 9.63 9.63
CA SER A 106 9.14 10.19 9.87
C SER A 106 8.71 10.36 11.26
N VAL A 107 7.83 11.37 11.45
CA VAL A 107 7.39 11.77 12.74
C VAL A 107 6.05 11.20 13.24
N MET A 108 5.05 11.37 12.40
CA MET A 108 3.73 10.90 12.66
C MET A 108 3.19 9.98 11.60
N ARG A 109 2.28 9.16 12.00
CA ARG A 109 1.58 8.13 11.17
C ARG A 109 0.22 7.91 11.81
N ARG A 110 -0.84 8.14 11.06
CA ARG A 110 -2.25 7.80 11.54
C ARG A 110 -2.56 8.71 12.74
N GLY A 111 -2.12 9.98 12.70
CA GLY A 111 -2.21 10.94 13.79
C GLY A 111 -1.55 10.67 15.14
N LYS A 112 -0.57 9.77 15.18
CA LYS A 112 0.14 9.39 16.40
C LYS A 112 1.61 9.27 16.00
N PRO A 113 2.48 9.22 16.99
CA PRO A 113 3.89 9.15 16.67
C PRO A 113 4.18 7.83 15.95
N CYS A 114 5.14 7.91 15.06
CA CYS A 114 5.57 6.63 14.43
C CYS A 114 6.05 5.71 15.50
N TRP A 115 5.89 4.38 15.31
CA TRP A 115 6.21 3.42 16.33
C TRP A 115 7.63 3.55 16.90
N TYR A 116 8.60 3.71 16.01
CA TYR A 116 9.98 3.80 16.51
C TYR A 116 10.20 4.97 17.51
N ARG A 117 9.27 5.94 17.43
CA ARG A 117 9.40 7.14 18.33
C ARG A 117 8.78 6.96 19.62
N PHE A 118 8.11 5.84 19.95
CA PHE A 118 7.51 5.66 21.21
C PHE A 118 8.67 5.53 22.23
N PRO A 119 8.55 6.12 23.45
CA PRO A 119 9.74 6.20 24.31
C PRO A 119 10.41 4.87 24.71
N GLY A 120 9.61 3.80 24.82
CA GLY A 120 10.04 2.44 25.27
C GLY A 120 10.23 1.51 24.08
N VAL A 121 10.28 2.07 22.87
CA VAL A 121 10.49 1.27 21.62
C VAL A 121 11.91 1.47 21.16
N THR A 122 12.13 2.64 20.58
CA THR A 122 13.29 3.04 19.91
C THR A 122 13.61 2.34 18.63
N THR A 123 14.52 2.85 17.84
CA THR A 123 14.87 2.25 16.52
C THR A 123 15.43 0.87 16.69
N GLN A 124 16.21 0.60 17.69
CA GLN A 124 16.82 -0.72 17.88
C GLN A 124 15.73 -1.78 18.05
N CYS A 125 14.64 -1.55 18.77
CA CYS A 125 13.53 -2.51 18.91
C CYS A 125 12.61 -2.42 17.68
N ALA A 126 12.35 -1.27 17.14
CA ALA A 126 11.34 -1.10 16.08
C ALA A 126 11.72 -1.79 14.77
N ILE A 127 12.97 -1.81 14.39
CA ILE A 127 13.36 -2.53 13.16
C ILE A 127 12.95 -3.99 13.34
N ASN A 128 13.23 -4.57 14.46
CA ASN A 128 12.87 -6.01 14.69
C ASN A 128 11.42 -6.13 14.86
N ASP A 129 10.68 -5.24 15.50
CA ASP A 129 9.24 -5.32 15.57
C ASP A 129 8.67 -5.37 14.15
N GLY A 130 9.20 -4.60 13.23
CA GLY A 130 8.74 -4.66 11.85
C GLY A 130 9.01 -6.03 11.22
N ILE A 131 10.13 -6.60 11.53
CA ILE A 131 10.45 -7.96 11.03
C ILE A 131 9.37 -8.91 11.56
N ILE A 132 9.05 -8.85 12.80
CA ILE A 132 8.11 -9.73 13.42
C ILE A 132 6.80 -9.57 12.75
N LEU A 133 6.33 -8.36 12.47
CA LEU A 133 5.03 -8.08 11.81
C LEU A 133 4.95 -8.94 10.55
N LYS A 134 5.98 -8.89 9.76
CA LYS A 134 5.94 -9.72 8.46
C LYS A 134 6.04 -11.18 8.75
N SER A 135 6.81 -11.59 9.72
CA SER A 135 6.86 -13.05 10.09
C SER A 135 5.49 -13.49 10.54
N TRP A 136 4.68 -12.71 11.20
CA TRP A 136 3.36 -13.07 11.65
C TRP A 136 2.46 -13.42 10.44
N THR A 137 2.65 -12.73 9.29
CA THR A 137 1.86 -13.07 8.08
C THR A 137 2.07 -14.52 7.75
N GLN A 138 3.24 -15.03 7.80
CA GLN A 138 3.55 -16.42 7.45
C GLN A 138 3.01 -17.33 8.51
N ILE A 139 3.14 -16.97 9.80
CA ILE A 139 2.68 -17.87 10.82
C ILE A 139 1.18 -17.94 10.66
N MET A 140 0.42 -16.89 10.44
CA MET A 140 -1.00 -16.93 10.21
C MET A 140 -1.36 -17.87 9.08
N ALA A 141 -0.65 -17.76 7.97
CA ALA A 141 -0.94 -18.49 6.74
C ALA A 141 -0.75 -20.01 7.02
N TRP A 142 0.33 -20.40 7.61
CA TRP A 142 0.65 -21.85 7.77
C TRP A 142 -0.38 -22.38 8.80
N HIS A 143 -0.70 -21.64 9.81
CA HIS A 143 -1.71 -22.11 10.81
C HIS A 143 -3.10 -22.28 10.23
N TYR A 144 -3.71 -21.22 9.69
CA TYR A 144 -5.09 -21.22 9.21
C TYR A 144 -5.25 -21.91 7.94
N PHE A 145 -4.26 -22.01 7.07
CA PHE A 145 -4.48 -22.49 5.73
C PHE A 145 -3.69 -23.79 5.43
N ALA A 146 -3.16 -24.44 6.50
CA ALA A 146 -2.41 -25.70 6.38
C ALA A 146 -2.98 -26.72 5.43
N ASP A 147 -4.26 -26.87 5.55
CA ASP A 147 -4.86 -27.97 4.76
C ASP A 147 -5.48 -27.46 3.46
N ARG A 148 -5.29 -26.17 3.13
CA ARG A 148 -6.08 -25.64 2.07
C ARG A 148 -5.49 -25.83 0.72
N PRO A 149 -6.31 -26.11 -0.36
CA PRO A 149 -5.77 -26.30 -1.66
C PRO A 149 -5.05 -25.09 -2.27
N PHE A 150 -5.42 -23.95 -1.80
CA PHE A 150 -4.84 -22.68 -2.25
C PHE A 150 -3.61 -22.26 -1.49
N LEU A 151 -3.17 -23.01 -0.50
CA LEU A 151 -1.99 -22.55 0.26
C LEU A 151 -0.82 -22.28 -0.59
N LYS A 152 -0.47 -23.17 -1.50
CA LYS A 152 0.71 -22.96 -2.30
C LYS A 152 0.64 -21.66 -3.14
N ASP A 153 -0.44 -21.53 -3.87
CA ASP A 153 -0.64 -20.34 -4.72
C ASP A 153 -0.63 -19.08 -3.93
N LEU A 154 -1.26 -19.11 -2.79
CA LEU A 154 -1.38 -17.92 -1.88
C LEU A 154 0.04 -17.58 -1.41
N LEU A 155 0.79 -18.55 -0.89
CA LEU A 155 2.18 -18.24 -0.42
C LEU A 155 3.04 -17.75 -1.50
N CYS A 156 3.01 -18.33 -2.72
CA CYS A 156 3.83 -17.90 -3.78
C CYS A 156 3.45 -16.48 -4.26
N LEU A 157 2.19 -16.14 -4.28
CA LEU A 157 1.69 -14.81 -4.73
C LEU A 157 2.18 -13.79 -3.69
N PHE A 158 2.01 -14.13 -2.43
CA PHE A 158 2.40 -13.20 -1.33
C PHE A 158 3.84 -12.91 -1.38
N GLN A 159 4.65 -13.91 -1.54
N GLN A 159 4.72 -13.86 -1.63
CA GLN A 159 6.06 -13.85 -1.69
CA GLN A 159 6.15 -13.59 -1.62
C GLN A 159 6.51 -12.87 -2.77
C GLN A 159 6.51 -12.72 -2.80
N LYS A 160 5.93 -13.05 -3.95
CA LYS A 160 6.28 -12.27 -5.20
C LYS A 160 5.85 -10.82 -4.97
N VAL A 161 4.73 -10.59 -4.41
CA VAL A 161 4.17 -9.28 -4.16
C VAL A 161 5.09 -8.57 -3.13
N ASP A 162 5.47 -9.27 -2.07
CA ASP A 162 6.38 -8.64 -1.06
C ASP A 162 7.67 -8.25 -1.70
N TYR A 163 8.30 -9.09 -2.49
CA TYR A 163 9.52 -8.79 -3.13
C TYR A 163 9.37 -7.64 -4.12
N ALA A 164 8.38 -7.67 -4.95
CA ALA A 164 8.05 -6.43 -5.83
C ALA A 164 7.98 -5.16 -5.00
N THR A 165 7.36 -5.21 -3.86
CA THR A 165 7.17 -4.09 -3.00
C THR A 165 8.51 -3.56 -2.48
N ALA A 166 9.38 -4.42 -2.00
CA ALA A 166 10.73 -4.05 -1.56
C ALA A 166 11.51 -3.47 -2.73
N VAL A 167 11.44 -4.07 -3.91
CA VAL A 167 12.06 -3.46 -5.11
C VAL A 167 11.48 -2.07 -5.35
N GLY A 168 10.18 -1.83 -5.16
CA GLY A 168 9.60 -0.52 -5.34
C GLY A 168 10.05 0.45 -4.28
N GLN A 169 10.27 -0.03 -3.10
CA GLN A 169 10.87 0.88 -2.04
C GLN A 169 12.22 1.28 -2.58
N MET A 170 13.06 0.44 -3.11
CA MET A 170 14.34 0.83 -3.62
C MET A 170 14.18 1.92 -4.70
N TYR A 171 13.26 1.68 -5.63
CA TYR A 171 13.00 2.66 -6.73
C TYR A 171 12.61 3.97 -6.13
N ASP A 172 11.81 4.02 -5.09
CA ASP A 172 11.31 5.23 -4.42
C ASP A 172 12.45 5.96 -3.73
N VAL A 173 13.26 5.28 -2.96
CA VAL A 173 14.27 5.99 -2.15
C VAL A 173 15.37 6.49 -2.99
N THR A 174 15.57 5.90 -4.16
CA THR A 174 16.64 6.29 -5.14
C THR A 174 16.14 7.20 -6.29
N SER A 175 14.93 7.70 -6.17
CA SER A 175 14.24 8.35 -7.31
C SER A 175 14.81 9.75 -7.57
N MET A 176 15.49 10.29 -6.57
CA MET A 176 16.14 11.61 -6.75
C MET A 176 17.61 11.56 -6.97
N CYS A 177 18.17 10.40 -7.20
CA CYS A 177 19.54 10.17 -7.61
C CYS A 177 19.60 10.03 -9.10
N ASP A 178 20.79 10.32 -9.74
CA ASP A 178 20.94 9.91 -11.11
C ASP A 178 21.33 8.47 -11.21
N SER A 179 20.61 7.68 -12.00
CA SER A 179 20.89 6.22 -12.05
C SER A 179 22.34 5.94 -12.33
N ASN A 180 22.94 6.73 -13.22
CA ASN A 180 24.32 6.42 -13.58
C ASN A 180 25.30 6.70 -12.46
N LYS A 181 24.92 7.45 -11.40
CA LYS A 181 25.78 7.67 -10.27
C LYS A 181 25.62 6.78 -9.08
N LEU A 182 24.64 5.85 -9.12
CA LEU A 182 24.43 4.94 -7.97
C LEU A 182 25.68 4.13 -7.81
N ASP A 183 26.09 4.02 -6.54
CA ASP A 183 27.31 3.37 -6.16
C ASP A 183 27.42 3.28 -4.68
N PRO A 184 27.40 2.02 -4.13
CA PRO A 184 27.53 1.89 -2.68
C PRO A 184 28.72 2.61 -2.04
N GLU A 185 29.83 2.70 -2.79
CA GLU A 185 31.02 3.35 -2.28
C GLU A 185 31.02 4.87 -2.24
N VAL A 186 30.08 5.52 -2.87
CA VAL A 186 30.12 6.99 -3.08
C VAL A 186 28.86 7.67 -2.60
N ALA A 187 28.94 8.62 -1.67
CA ALA A 187 27.75 9.37 -1.22
C ALA A 187 26.95 10.01 -2.36
N GLN A 188 25.62 9.80 -2.32
CA GLN A 188 24.79 10.11 -3.45
C GLN A 188 24.34 11.54 -3.49
N PRO A 189 24.68 12.25 -4.62
CA PRO A 189 24.13 13.61 -4.67
C PRO A 189 22.72 13.58 -5.27
N MET A 190 21.93 14.56 -4.95
CA MET A 190 20.63 14.77 -5.61
C MET A 190 20.82 15.09 -7.09
N THR A 191 19.89 14.67 -7.91
CA THR A 191 19.94 15.00 -9.35
C THR A 191 19.92 16.53 -9.44
N THR A 192 20.60 17.01 -10.50
CA THR A 192 20.44 18.44 -10.86
C THR A 192 19.64 18.66 -12.12
N ASP A 193 19.63 17.66 -13.02
CA ASP A 193 18.87 17.82 -14.26
C ASP A 193 17.42 17.39 -14.13
N PHE A 194 17.09 16.54 -13.14
CA PHE A 194 15.74 16.00 -13.12
C PHE A 194 15.34 15.28 -14.40
N ALA A 195 16.29 14.73 -15.15
CA ALA A 195 15.95 13.98 -16.38
C ALA A 195 15.13 12.72 -16.14
N GLU A 196 15.30 12.18 -14.94
CA GLU A 196 14.61 10.96 -14.57
C GLU A 196 13.29 11.23 -13.87
N PHE A 197 12.79 12.48 -13.84
CA PHE A 197 11.42 12.73 -13.36
C PHE A 197 10.53 12.69 -14.60
N THR A 198 10.15 11.48 -15.07
CA THR A 198 9.36 11.31 -16.23
C THR A 198 8.09 10.52 -15.87
N PRO A 199 7.05 10.57 -16.69
CA PRO A 199 5.88 9.71 -16.39
C PRO A 199 6.25 8.20 -16.39
N ALA A 200 7.08 7.67 -17.28
CA ALA A 200 7.36 6.26 -17.27
C ALA A 200 8.11 5.87 -16.02
N ILE A 201 8.98 6.74 -15.53
CA ILE A 201 9.77 6.35 -14.40
C ILE A 201 8.92 6.43 -13.16
N TYR A 202 8.14 7.50 -13.02
CA TYR A 202 7.14 7.62 -11.98
C TYR A 202 6.25 6.38 -12.00
N LYS A 203 5.76 6.00 -13.17
CA LYS A 203 4.86 4.83 -13.21
C LYS A 203 5.57 3.56 -12.70
N ARG A 204 6.88 3.42 -12.94
CA ARG A 204 7.59 2.23 -12.50
C ARG A 204 7.62 2.29 -10.96
N ILE A 205 7.96 3.42 -10.38
CA ILE A 205 8.02 3.52 -8.96
C ILE A 205 6.72 3.11 -8.29
N VAL A 206 5.62 3.64 -8.77
CA VAL A 206 4.38 3.54 -8.07
C VAL A 206 3.82 2.06 -8.27
N LYS A 207 4.09 1.52 -9.47
CA LYS A 207 3.59 0.17 -9.74
C LYS A 207 4.17 -0.80 -8.70
N TYR A 208 5.49 -0.71 -8.53
CA TYR A 208 6.19 -1.65 -7.59
C TYR A 208 5.99 -1.30 -6.15
N LYS A 209 6.07 -0.03 -5.77
CA LYS A 209 5.96 0.31 -4.37
C LYS A 209 4.58 0.29 -3.74
N THR A 210 3.54 0.36 -4.56
CA THR A 210 2.20 0.50 -4.07
C THR A 210 1.25 -0.54 -4.71
N THR A 211 1.24 -0.62 -6.04
CA THR A 211 0.07 -1.30 -6.66
C THR A 211 -0.01 -2.78 -6.41
N PHE A 212 1.14 -3.45 -6.43
CA PHE A 212 1.13 -4.90 -6.32
C PHE A 212 0.56 -5.36 -5.00
N TYR A 213 0.86 -4.64 -3.91
CA TYR A 213 0.39 -5.05 -2.57
C TYR A 213 -0.92 -4.40 -2.09
N THR A 214 -1.28 -3.20 -2.61
CA THR A 214 -2.51 -2.53 -2.26
C THR A 214 -3.72 -3.00 -3.09
N TYR A 215 -3.49 -3.30 -4.35
CA TYR A 215 -4.61 -3.77 -5.23
C TYR A 215 -4.39 -5.11 -5.81
N LEU A 216 -3.28 -5.50 -6.33
CA LEU A 216 -3.20 -6.81 -6.97
C LEU A 216 -3.41 -7.94 -5.92
N LEU A 217 -2.69 -7.85 -4.82
CA LEU A 217 -2.74 -8.86 -3.79
C LEU A 217 -4.10 -9.00 -3.20
N PRO A 218 -4.81 -8.02 -2.77
CA PRO A 218 -6.17 -8.22 -2.14
C PRO A 218 -7.10 -8.87 -3.19
N LEU A 219 -7.01 -8.45 -4.42
CA LEU A 219 -7.99 -8.94 -5.43
C LEU A 219 -7.68 -10.39 -5.63
N VAL A 220 -6.47 -10.74 -5.91
CA VAL A 220 -6.11 -12.13 -6.20
C VAL A 220 -6.28 -12.99 -4.97
N MET A 221 -5.96 -12.55 -3.75
CA MET A 221 -6.19 -13.35 -2.55
C MET A 221 -7.72 -13.63 -2.43
N GLY A 222 -8.59 -12.66 -2.71
CA GLY A 222 -10.06 -12.88 -2.66
C GLY A 222 -10.38 -14.04 -3.64
N LEU A 223 -9.82 -13.99 -4.83
CA LEU A 223 -10.07 -15.07 -5.85
C LEU A 223 -9.56 -16.42 -5.29
N LEU A 224 -8.38 -16.46 -4.67
CA LEU A 224 -7.79 -17.71 -4.25
C LEU A 224 -8.55 -18.32 -3.10
N VAL A 225 -9.04 -17.63 -2.08
CA VAL A 225 -9.72 -18.15 -0.95
C VAL A 225 -11.11 -18.67 -1.44
N SER A 226 -11.59 -18.10 -2.51
CA SER A 226 -12.89 -18.49 -3.13
C SER A 226 -12.76 -19.63 -4.16
N GLU A 227 -11.56 -20.02 -4.47
CA GLU A 227 -11.26 -21.04 -5.47
C GLU A 227 -11.85 -20.68 -6.83
N ALA A 228 -11.66 -19.42 -7.18
CA ALA A 228 -12.32 -18.75 -8.31
C ALA A 228 -11.32 -18.11 -9.24
N ALA A 229 -10.03 -18.48 -9.19
CA ALA A 229 -9.09 -17.76 -10.02
C ALA A 229 -9.26 -18.17 -11.50
N ALA A 230 -9.64 -19.41 -11.74
CA ALA A 230 -9.94 -19.80 -13.13
C ALA A 230 -11.21 -19.13 -13.69
N SER A 231 -12.01 -18.47 -12.89
CA SER A 231 -13.10 -17.56 -13.32
C SER A 231 -12.80 -16.12 -13.84
N VAL A 232 -11.53 -15.78 -13.98
CA VAL A 232 -11.14 -14.44 -14.40
C VAL A 232 -10.03 -14.60 -15.33
N GLU A 233 -9.81 -13.53 -16.09
CA GLU A 233 -8.70 -13.40 -16.95
C GLU A 233 -7.58 -12.71 -16.16
N MET A 234 -6.56 -13.44 -15.78
CA MET A 234 -5.59 -12.88 -14.87
C MET A 234 -4.84 -11.66 -15.48
N ASN A 235 -4.60 -11.64 -16.79
CA ASN A 235 -3.94 -10.41 -17.38
C ASN A 235 -4.86 -9.19 -17.18
N LEU A 236 -6.18 -9.36 -17.18
CA LEU A 236 -7.02 -8.20 -16.93
C LEU A 236 -6.98 -7.74 -15.47
N VAL A 237 -6.92 -8.71 -14.58
CA VAL A 237 -6.82 -8.39 -13.13
C VAL A 237 -5.58 -7.59 -12.91
N GLU A 238 -4.52 -7.99 -13.51
CA GLU A 238 -3.25 -7.24 -13.38
C GLU A 238 -3.35 -5.87 -13.90
N ARG A 239 -3.90 -5.74 -15.11
CA ARG A 239 -4.01 -4.41 -15.74
C ARG A 239 -4.87 -3.46 -14.99
N VAL A 240 -6.00 -3.92 -14.45
CA VAL A 240 -6.82 -3.05 -13.69
C VAL A 240 -6.23 -2.65 -12.28
N ALA A 241 -5.66 -3.61 -11.61
CA ALA A 241 -4.89 -3.33 -10.38
C ALA A 241 -3.86 -2.21 -10.63
N HIS A 242 -3.05 -2.37 -11.68
CA HIS A 242 -2.01 -1.38 -12.14
C HIS A 242 -2.59 0.01 -12.18
N LEU A 243 -3.71 0.07 -12.84
CA LEU A 243 -4.37 1.34 -13.11
C LEU A 243 -4.94 2.03 -11.89
N ILE A 244 -5.73 1.30 -11.12
CA ILE A 244 -6.33 1.86 -9.99
C ILE A 244 -5.23 2.21 -8.92
N GLY A 245 -4.21 1.35 -8.86
CA GLY A 245 -3.13 1.57 -7.83
C GLY A 245 -2.40 2.84 -8.18
N GLU A 246 -2.08 3.04 -9.45
CA GLU A 246 -1.40 4.28 -9.85
C GLU A 246 -2.19 5.52 -9.45
N TYR A 247 -3.48 5.53 -9.73
CA TYR A 247 -4.35 6.63 -9.39
C TYR A 247 -4.39 6.83 -7.90
N PHE A 248 -4.49 5.73 -7.12
CA PHE A 248 -4.44 5.83 -5.65
C PHE A 248 -3.17 6.66 -5.14
N GLN A 249 -2.07 6.31 -5.72
CA GLN A 249 -0.82 6.93 -5.32
C GLN A 249 -0.73 8.37 -5.80
N VAL A 250 -1.23 8.63 -7.00
CA VAL A 250 -1.24 10.03 -7.48
C VAL A 250 -2.01 10.86 -6.52
N GLN A 251 -3.17 10.37 -6.09
CA GLN A 251 -3.97 11.06 -5.05
C GLN A 251 -3.16 11.28 -3.75
N ASP A 252 -2.47 10.24 -3.27
CA ASP A 252 -1.61 10.42 -2.09
C ASP A 252 -0.53 11.49 -2.34
N ASP A 253 0.06 11.48 -3.54
CA ASP A 253 1.08 12.52 -3.89
C ASP A 253 0.52 13.96 -3.79
N VAL A 254 -0.69 14.15 -4.30
CA VAL A 254 -1.27 15.47 -4.27
C VAL A 254 -1.62 15.85 -2.84
N MET A 255 -2.13 14.90 -2.08
CA MET A 255 -2.44 15.15 -0.64
C MET A 255 -1.24 15.50 0.22
N ASP A 256 -0.10 14.90 -0.09
CA ASP A 256 1.11 15.17 0.65
C ASP A 256 1.45 16.67 0.67
N CYS A 257 1.25 17.28 -0.49
CA CYS A 257 1.52 18.69 -0.71
C CYS A 257 0.33 19.56 -0.24
N PHE A 258 -0.89 19.19 -0.59
CA PHE A 258 -2.02 20.10 -0.39
C PHE A 258 -3.06 19.78 0.68
N THR A 259 -3.04 18.61 1.33
CA THR A 259 -4.07 18.26 2.32
C THR A 259 -3.56 18.74 3.68
N PRO A 260 -4.42 19.42 4.49
CA PRO A 260 -3.90 19.88 5.77
C PRO A 260 -3.31 18.77 6.65
N PRO A 261 -2.27 19.09 7.40
CA PRO A 261 -1.66 18.09 8.29
C PRO A 261 -2.58 17.24 9.20
N GLU A 262 -3.67 17.85 9.69
CA GLU A 262 -4.57 17.25 10.70
C GLU A 262 -5.42 16.21 10.03
N GLN A 263 -5.73 16.44 8.75
CA GLN A 263 -6.55 15.52 7.98
C GLN A 263 -5.73 14.41 7.40
N LEU A 264 -4.52 14.78 6.93
CA LEU A 264 -3.48 13.81 6.47
C LEU A 264 -3.03 12.82 7.61
N GLY A 265 -2.95 13.36 8.82
CA GLY A 265 -2.39 12.66 9.93
C GLY A 265 -0.87 12.70 10.01
N LYS A 266 -0.28 13.72 9.37
CA LYS A 266 1.18 13.92 9.28
C LYS A 266 1.50 15.24 8.55
N VAL A 267 2.69 15.77 8.78
CA VAL A 267 3.21 16.95 8.02
C VAL A 267 3.85 16.29 6.76
N GLY A 268 3.36 16.60 5.54
CA GLY A 268 3.97 16.00 4.31
C GLY A 268 5.33 16.66 4.06
N THR A 269 6.33 15.90 3.62
CA THR A 269 7.68 16.42 3.34
C THR A 269 8.22 15.90 1.97
N ASP A 270 7.30 15.52 1.04
CA ASP A 270 7.77 15.04 -0.28
C ASP A 270 8.69 16.01 -1.03
N ILE A 271 8.40 17.32 -0.89
CA ILE A 271 9.22 18.37 -1.55
C ILE A 271 10.62 18.44 -0.94
N GLU A 272 10.68 18.44 0.40
CA GLU A 272 12.01 18.51 1.05
C GLU A 272 12.81 17.26 0.79
N ASP A 273 12.08 16.14 0.72
CA ASP A 273 12.67 14.85 0.44
C ASP A 273 13.00 14.59 -1.03
N ALA A 274 12.74 15.54 -1.92
CA ALA A 274 13.03 15.49 -3.34
C ALA A 274 12.39 14.26 -4.07
N LYS A 275 11.25 13.92 -3.60
CA LYS A 275 10.60 12.73 -4.17
C LYS A 275 10.14 12.97 -5.61
N CYS A 276 10.11 11.88 -6.39
CA CYS A 276 9.59 11.91 -7.72
C CYS A 276 8.12 11.72 -7.57
N SER A 277 7.44 12.77 -7.16
CA SER A 277 5.99 12.80 -7.01
C SER A 277 5.27 13.11 -8.33
N TRP A 278 3.99 12.78 -8.42
CA TRP A 278 3.22 13.12 -9.58
C TRP A 278 3.24 14.66 -9.82
N LEU A 279 3.17 15.41 -8.74
CA LEU A 279 3.17 16.88 -8.84
C LEU A 279 4.47 17.36 -9.50
N ALA A 280 5.62 16.81 -9.11
CA ALA A 280 6.92 17.25 -9.65
C ALA A 280 7.01 16.88 -11.14
N VAL A 281 6.66 15.62 -11.48
CA VAL A 281 6.77 15.15 -12.82
C VAL A 281 5.78 15.93 -13.77
N THR A 282 4.56 16.13 -13.29
CA THR A 282 3.55 16.86 -14.05
C THR A 282 3.98 18.35 -14.24
N PHE A 283 4.49 18.92 -13.17
CA PHE A 283 5.00 20.29 -13.27
C PHE A 283 6.11 20.41 -14.31
N LEU A 284 7.11 19.55 -14.24
CA LEU A 284 8.16 19.58 -15.21
C LEU A 284 7.72 19.27 -16.66
N GLY A 285 6.62 18.55 -16.83
CA GLY A 285 6.03 18.28 -18.09
C GLY A 285 5.45 19.46 -18.83
N LYS A 286 5.11 20.51 -18.09
CA LYS A 286 4.47 21.68 -18.67
C LYS A 286 5.23 23.03 -18.41
N ALA A 287 6.35 22.97 -17.70
CA ALA A 287 6.99 24.17 -17.18
C ALA A 287 7.74 24.86 -18.31
N ASN A 288 7.82 26.23 -18.22
CA ASN A 288 8.77 26.89 -19.13
C ASN A 288 10.21 26.89 -18.58
N ALA A 289 11.16 27.41 -19.35
CA ALA A 289 12.54 27.39 -18.90
C ALA A 289 12.78 28.07 -17.51
N ALA A 290 12.08 29.18 -17.28
CA ALA A 290 12.23 29.95 -16.03
C ALA A 290 11.67 29.18 -14.86
N GLN A 291 10.49 28.57 -15.04
CA GLN A 291 9.84 27.78 -13.98
C GLN A 291 10.70 26.51 -13.65
N VAL A 292 11.24 25.87 -14.69
CA VAL A 292 12.16 24.74 -14.48
C VAL A 292 13.37 25.19 -13.60
N ALA A 293 14.01 26.31 -13.96
CA ALA A 293 15.14 26.78 -13.16
C ALA A 293 14.77 27.19 -11.73
N GLU A 294 13.59 27.74 -11.54
CA GLU A 294 13.10 28.04 -10.18
C GLU A 294 12.77 26.80 -9.34
N PHE A 295 12.20 25.79 -10.00
CA PHE A 295 11.97 24.49 -9.30
C PHE A 295 13.36 23.91 -8.85
N LYS A 296 14.31 23.91 -9.77
CA LYS A 296 15.66 23.35 -9.50
C LYS A 296 16.34 24.06 -8.37
N ALA A 297 16.23 25.39 -8.34
CA ALA A 297 16.80 26.17 -7.22
C ALA A 297 16.21 25.88 -5.87
N ASN A 298 15.03 25.31 -5.82
CA ASN A 298 14.26 25.27 -4.58
C ASN A 298 13.88 23.85 -4.09
N TYR A 299 13.88 22.86 -5.01
CA TYR A 299 13.33 21.50 -4.65
C TYR A 299 14.35 20.77 -3.79
N GLY A 300 13.83 19.93 -2.89
CA GLY A 300 14.69 18.96 -2.16
C GLY A 300 15.55 19.63 -1.08
N GLU A 301 15.00 20.70 -0.44
CA GLU A 301 15.68 21.47 0.63
C GLU A 301 14.75 21.59 1.81
N LYS A 302 15.27 21.55 3.02
CA LYS A 302 14.41 21.60 4.23
C LYS A 302 13.75 22.96 4.48
N ASP A 303 14.39 24.01 4.02
CA ASP A 303 13.99 25.39 4.23
C ASP A 303 12.53 25.69 3.82
N PRO A 304 11.66 26.05 4.79
CA PRO A 304 10.26 26.40 4.49
C PRO A 304 10.04 27.42 3.42
N ALA A 305 10.96 28.37 3.25
CA ALA A 305 10.83 29.39 2.22
C ALA A 305 10.94 28.73 0.83
N LYS A 306 11.86 27.77 0.76
CA LYS A 306 12.12 27.10 -0.55
C LYS A 306 10.96 26.12 -0.91
N VAL A 307 10.44 25.45 0.11
CA VAL A 307 9.28 24.57 0.01
C VAL A 307 8.09 25.40 -0.41
N ALA A 308 7.87 26.55 0.24
CA ALA A 308 6.74 27.38 -0.16
C ALA A 308 6.96 27.89 -1.58
N VAL A 309 8.22 28.06 -2.05
CA VAL A 309 8.42 28.48 -3.49
C VAL A 309 7.97 27.32 -4.39
N VAL A 310 8.32 26.09 -4.00
CA VAL A 310 7.83 24.94 -4.78
C VAL A 310 6.30 24.87 -4.85
N LYS A 311 5.61 25.03 -3.73
CA LYS A 311 4.13 24.98 -3.67
C LYS A 311 3.46 26.09 -4.42
N ARG A 312 4.08 27.25 -4.37
CA ARG A 312 3.68 28.35 -5.25
C ARG A 312 3.73 27.92 -6.70
N LEU A 313 4.87 27.38 -7.13
CA LEU A 313 5.08 27.02 -8.53
C LEU A 313 3.96 26.02 -8.94
N TYR A 314 3.67 25.07 -8.05
CA TYR A 314 2.68 24.06 -8.38
C TYR A 314 1.25 24.70 -8.53
N SER A 315 0.89 25.53 -7.57
CA SER A 315 -0.40 26.25 -7.55
C SER A 315 -0.58 27.09 -8.82
N LYS A 316 0.44 27.85 -9.15
CA LYS A 316 0.48 28.67 -10.35
C LYS A 316 0.47 27.88 -11.68
N ALA A 317 0.90 26.63 -11.67
CA ALA A 317 0.98 25.86 -12.91
C ALA A 317 -0.37 25.13 -13.20
N ASN A 318 -1.36 25.32 -12.36
CA ASN A 318 -2.71 24.78 -12.64
C ASN A 318 -2.64 23.26 -12.82
N LEU A 319 -2.03 22.64 -11.83
CA LEU A 319 -1.88 21.20 -11.87
C LEU A 319 -3.23 20.54 -11.66
N GLN A 320 -4.22 21.28 -11.13
CA GLN A 320 -5.61 20.77 -10.99
C GLN A 320 -6.13 20.32 -12.32
N ALA A 321 -5.81 21.05 -13.38
CA ALA A 321 -6.29 20.66 -14.68
C ALA A 321 -5.58 19.43 -15.21
N ASP A 322 -4.28 19.28 -14.96
CA ASP A 322 -3.63 18.08 -15.49
C ASP A 322 -4.22 16.89 -14.72
N PHE A 323 -4.56 17.08 -13.42
CA PHE A 323 -5.14 15.99 -12.60
C PHE A 323 -6.50 15.56 -13.16
N ALA A 324 -7.39 16.53 -13.43
CA ALA A 324 -8.67 16.18 -14.10
C ALA A 324 -8.46 15.50 -15.44
N ALA A 325 -7.51 15.95 -16.26
CA ALA A 325 -7.25 15.23 -17.54
C ALA A 325 -6.82 13.77 -17.23
N TYR A 326 -5.96 13.63 -16.21
CA TYR A 326 -5.39 12.28 -15.92
C TYR A 326 -6.49 11.38 -15.42
N GLU A 327 -7.27 11.94 -14.54
CA GLU A 327 -8.35 11.27 -13.92
C GLU A 327 -9.37 10.82 -14.94
N ALA A 328 -9.70 11.70 -15.88
CA ALA A 328 -10.60 11.25 -16.92
C ALA A 328 -10.09 10.11 -17.73
N GLU A 329 -8.83 10.12 -18.05
CA GLU A 329 -8.22 9.04 -18.75
C GLU A 329 -8.27 7.70 -17.95
N VAL A 330 -7.97 7.80 -16.66
CA VAL A 330 -8.11 6.62 -15.75
C VAL A 330 -9.53 6.06 -15.76
N VAL A 331 -10.47 6.93 -15.53
CA VAL A 331 -11.92 6.51 -15.67
C VAL A 331 -12.23 5.77 -17.01
N ARG A 332 -11.80 6.29 -18.18
CA ARG A 332 -11.92 5.50 -19.42
C ARG A 332 -11.40 4.11 -19.36
N GLU A 333 -10.20 3.97 -18.85
CA GLU A 333 -9.50 2.71 -18.97
C GLU A 333 -10.05 1.76 -17.91
N VAL A 334 -10.36 2.28 -16.71
CA VAL A 334 -10.89 1.34 -15.67
C VAL A 334 -12.26 0.79 -16.09
N GLU A 335 -13.07 1.66 -16.66
CA GLU A 335 -14.38 1.21 -17.22
C GLU A 335 -14.22 0.19 -18.35
N SER A 336 -13.23 0.34 -19.21
CA SER A 336 -13.01 -0.59 -20.32
C SER A 336 -12.63 -1.94 -19.75
N LEU A 337 -11.74 -1.90 -18.72
CA LEU A 337 -11.27 -3.14 -18.12
C LEU A 337 -12.39 -3.85 -17.35
N ILE A 338 -13.25 -3.11 -16.70
CA ILE A 338 -14.34 -3.72 -15.97
C ILE A 338 -15.25 -4.43 -16.97
N GLU A 339 -15.48 -3.75 -18.08
CA GLU A 339 -16.27 -4.39 -19.07
C GLU A 339 -15.66 -5.66 -19.60
N GLN A 340 -14.36 -5.70 -19.88
CA GLN A 340 -13.73 -6.86 -20.36
C GLN A 340 -13.77 -8.01 -19.29
N LEU A 341 -13.65 -7.60 -18.04
CA LEU A 341 -13.79 -8.57 -16.86
C LEU A 341 -15.15 -9.22 -16.80
N LYS A 342 -16.19 -8.56 -17.29
CA LYS A 342 -17.55 -9.20 -17.38
C LYS A 342 -17.67 -10.38 -18.28
N VAL A 343 -16.78 -10.53 -19.28
CA VAL A 343 -16.88 -11.65 -20.25
C VAL A 343 -16.83 -12.98 -19.47
N LYS A 344 -15.84 -13.10 -18.59
CA LYS A 344 -15.67 -14.36 -17.81
C LYS A 344 -16.38 -14.28 -16.46
N SER A 345 -16.53 -13.11 -15.83
CA SER A 345 -17.15 -12.99 -14.50
C SER A 345 -17.78 -11.66 -14.14
N PRO A 346 -19.08 -11.57 -14.31
CA PRO A 346 -19.87 -10.47 -13.82
C PRO A 346 -19.68 -10.12 -12.34
N THR A 347 -19.68 -11.09 -11.42
CA THR A 347 -19.57 -10.77 -10.01
C THR A 347 -18.15 -10.17 -9.67
N PHE A 348 -17.09 -10.70 -10.32
CA PHE A 348 -15.70 -10.21 -10.00
C PHE A 348 -15.61 -8.80 -10.59
N ALA A 349 -16.15 -8.62 -11.80
CA ALA A 349 -16.10 -7.26 -12.35
C ALA A 349 -16.80 -6.23 -11.41
N GLU A 350 -17.91 -6.60 -10.77
CA GLU A 350 -18.56 -5.74 -9.84
C GLU A 350 -17.78 -5.47 -8.63
N SER A 351 -17.03 -6.46 -8.12
CA SER A 351 -16.17 -6.18 -6.98
C SER A 351 -15.10 -5.13 -7.34
N VAL A 352 -14.57 -5.25 -8.58
CA VAL A 352 -13.63 -4.30 -9.08
C VAL A 352 -14.22 -2.93 -9.21
N ALA A 353 -15.48 -2.90 -9.72
CA ALA A 353 -16.19 -1.62 -9.78
C ALA A 353 -16.30 -0.98 -8.45
N VAL A 354 -16.54 -1.78 -7.42
CA VAL A 354 -16.68 -1.22 -6.03
C VAL A 354 -15.32 -0.73 -5.43
N VAL A 355 -14.27 -1.51 -5.69
CA VAL A 355 -12.91 -1.13 -5.33
C VAL A 355 -12.57 0.23 -5.98
N TRP A 356 -12.89 0.37 -7.27
CA TRP A 356 -12.59 1.60 -8.00
C TRP A 356 -13.36 2.73 -7.39
N GLU A 357 -14.67 2.54 -7.06
CA GLU A 357 -15.50 3.58 -6.43
C GLU A 357 -14.95 4.05 -5.11
N LYS A 358 -14.55 3.12 -4.24
CA LYS A 358 -13.93 3.46 -2.98
C LYS A 358 -12.59 4.24 -3.15
N THR A 359 -11.81 3.97 -4.17
CA THR A 359 -10.58 4.72 -4.40
C THR A 359 -10.85 6.11 -4.94
N HIS A 360 -11.70 6.16 -5.95
CA HIS A 360 -12.01 7.41 -6.68
C HIS A 360 -12.66 8.44 -5.76
N LYS A 361 -13.40 7.93 -4.78
CA LYS A 361 -14.20 8.75 -3.87
C LYS A 361 -13.62 8.83 -2.45
N ARG A 362 -12.34 8.53 -2.21
CA ARG A 362 -11.81 8.60 -0.85
C ARG A 362 -11.32 10.01 -0.54
S SO4 B . -3.43 2.93 5.98
O1 SO4 B . -3.00 3.74 7.16
O2 SO4 B . -3.11 1.49 6.16
O3 SO4 B . -4.91 3.07 5.85
O4 SO4 B . -2.80 3.46 4.75
S SO4 C . 0.32 -24.56 14.37
O1 SO4 C . 0.17 -26.03 14.10
O2 SO4 C . -0.01 -24.31 15.82
O3 SO4 C . 1.68 -24.03 14.18
O4 SO4 C . -0.55 -23.92 13.40
C ACT D . -7.87 -1.22 -22.77
O ACT D . -8.12 -1.61 -21.59
OXT ACT D . -7.70 -1.99 -23.78
CH3 ACT D . -7.78 0.28 -22.86
ZN ZN E . 9.44 6.00 2.26
N1 LUY F . 3.07 2.23 -0.77
C4 LUY F . 8.28 -0.01 2.60
C5 LUY F . 9.18 -0.54 3.55
C6 LUY F . 7.28 -0.17 0.12
C7 LUY F . 5.90 0.19 0.72
C8 LUY F . 4.03 1.75 0.13
C10 LUY F . 1.02 3.69 -0.33
C13 LUY F . 2.06 3.61 2.35
N LUY F . 5.06 0.87 -0.25
C LUY F . 9.96 -1.66 3.24
C1 LUY F . 9.78 -2.29 2.05
C11 LUY F . 0.39 4.32 0.73
C12 LUY F . 0.91 4.28 2.04
C14 LUY F . 2.70 2.94 1.32
C2 LUY F . 8.88 -1.84 1.13
C3 LUY F . 8.14 -0.69 1.35
C9 LUY F . 2.19 2.99 -0.01
N2 LUY F . 3.85 2.17 1.38
#